data_3SLR
#
_entry.id   3SLR
#
_cell.length_a   75.741
_cell.length_b   125.998
_cell.length_c   41.622
_cell.angle_alpha   90.00
_cell.angle_beta   90.00
_cell.angle_gamma   90.00
#
_symmetry.space_group_name_H-M   'P 21 21 2'
#
loop_
_entity.id
_entity.type
_entity.pdbx_description
1 polymer 'uncharacterized protein BF1531'
2 non-polymer 'MAGNESIUM ION'
3 water water
#
_entity_poly.entity_id   1
_entity_poly.type   'polypeptide(L)'
_entity_poly.pdbx_seq_one_letter_code
;(MSE)SLYTFKELKRATKQDTVSLPKLKVALLGDTATQLLATAIKGEGILRNYNIELWEAEYNQVERQI(MSE)DPTSDY
YQFEPDYTIIFHSTHKLLEKHSLVNSDLQNKLADDRLDFVRLLCEQGIGRVIYYNYPEIEDTIWGSYATKVQSSFTYQLT
KLNYEL(MSE)NISQAYPNFFICNLAGISAKYGRNF(MSE)FDSSVYVNTEIILSLDALPIISSRTIDIIAAIQGKFKKC
LILDLDNTIWGGVVGDDGWENIQVGHGLGIGKAFTEFQEWVKKLKNRGIIIAVCSKNNEGKAKEPFERNPE(MSE)VLKL
DDIAVFVANWENKADNIRTIQRTLNIGFDS(MSE)VFLDDNPFERN(MSE)VREHVPGVTVPELPEDPGDYLEYLYTLNL
FETASFSEGHHHHHH
;
_entity_poly.pdbx_strand_id   A
#
loop_
_chem_comp.id
_chem_comp.type
_chem_comp.name
_chem_comp.formula
MG non-polymer 'MAGNESIUM ION' 'Mg 2'
#
# COMPACT_ATOMS: atom_id res chain seq x y z
N LEU A 3 10.32 2.27 -2.01
CA LEU A 3 10.01 3.00 -3.24
C LEU A 3 11.26 3.26 -4.08
N TYR A 4 11.14 3.03 -5.38
CA TYR A 4 12.23 3.29 -6.31
C TYR A 4 11.91 4.53 -7.14
N THR A 5 12.86 4.97 -7.95
CA THR A 5 12.59 6.01 -8.93
C THR A 5 12.23 5.34 -10.23
N PHE A 6 11.58 6.06 -11.14
CA PHE A 6 11.26 5.46 -12.43
C PHE A 6 12.53 5.02 -13.13
N LYS A 7 13.59 5.81 -13.03
CA LYS A 7 14.87 5.44 -13.63
C LYS A 7 15.33 4.05 -13.20
N GLU A 8 15.24 3.77 -11.91
CA GLU A 8 15.64 2.47 -11.37
C GLU A 8 14.73 1.36 -11.88
N LEU A 9 13.43 1.63 -11.93
CA LEU A 9 12.46 0.65 -12.43
C LEU A 9 12.75 0.28 -13.88
N LYS A 10 13.00 1.30 -14.71
CA LYS A 10 13.29 1.04 -16.11
C LYS A 10 14.60 0.26 -16.29
N ARG A 11 15.61 0.63 -15.51
CA ARG A 11 16.89 -0.09 -15.52
C ARG A 11 16.69 -1.55 -15.17
N ALA A 12 15.83 -1.83 -14.20
CA ALA A 12 15.58 -3.21 -13.80
C ALA A 12 14.97 -4.06 -14.91
N THR A 13 14.25 -3.43 -15.85
CA THR A 13 13.63 -4.20 -16.92
C THR A 13 14.68 -4.80 -17.86
N LYS A 14 15.92 -4.35 -17.70
CA LYS A 14 17.02 -4.84 -18.53
C LYS A 14 17.79 -5.98 -17.84
N GLN A 15 17.48 -6.23 -16.57
CA GLN A 15 18.17 -7.25 -15.78
C GLN A 15 17.98 -8.66 -16.34
N ASP A 16 18.87 -9.56 -15.95
CA ASP A 16 18.73 -10.98 -16.30
C ASP A 16 17.60 -11.62 -15.52
N THR A 17 16.64 -12.16 -16.25
CA THR A 17 15.39 -12.58 -15.66
C THR A 17 15.27 -14.11 -15.54
N VAL A 18 16.32 -14.82 -15.93
CA VAL A 18 16.28 -16.28 -16.00
C VAL A 18 15.82 -16.96 -14.71
N SER A 19 16.40 -16.57 -13.58
CA SER A 19 16.09 -17.22 -12.31
C SER A 19 14.62 -17.09 -11.89
N LEU A 20 14.03 -15.92 -12.16
CA LEU A 20 12.74 -15.55 -11.58
C LEU A 20 11.52 -16.31 -12.13
N PRO A 21 10.53 -16.59 -11.26
CA PRO A 21 9.24 -17.14 -11.65
C PRO A 21 8.49 -16.19 -12.56
N LYS A 22 7.89 -16.71 -13.62
CA LYS A 22 7.23 -15.88 -14.62
C LYS A 22 5.75 -15.62 -14.31
N LEU A 23 5.30 -14.39 -14.54
CA LEU A 23 3.88 -14.05 -14.40
C LEU A 23 3.45 -13.27 -15.63
N LYS A 24 2.28 -13.61 -16.17
CA LYS A 24 1.75 -12.88 -17.32
C LYS A 24 0.78 -11.83 -16.83
N VAL A 25 1.11 -10.56 -17.09
CA VAL A 25 0.31 -9.43 -16.63
C VAL A 25 -0.21 -8.62 -17.82
N ALA A 26 -1.54 -8.50 -17.92
CA ALA A 26 -2.14 -7.63 -18.92
C ALA A 26 -2.45 -6.26 -18.29
N LEU A 27 -2.19 -5.20 -19.04
CA LEU A 27 -2.50 -3.85 -18.57
C LEU A 27 -3.33 -3.14 -19.64
N LEU A 28 -4.50 -2.65 -19.24
CA LEU A 28 -5.40 -1.95 -20.16
C LEU A 28 -5.88 -0.67 -19.50
N GLY A 29 -5.72 0.46 -20.18
CA GLY A 29 -6.11 1.74 -19.60
C GLY A 29 -6.72 2.69 -20.59
N ASP A 30 -7.36 3.76 -20.09
CA ASP A 30 -7.95 4.77 -20.98
C ASP A 30 -7.11 6.04 -21.06
N THR A 31 -5.90 5.99 -20.50
CA THR A 31 -4.90 7.02 -20.73
C THR A 31 -3.64 6.31 -21.26
N ALA A 32 -2.58 7.07 -21.57
CA ALA A 32 -1.38 6.42 -22.11
C ALA A 32 -0.65 5.59 -21.05
N THR A 33 -0.44 4.31 -21.34
CA THR A 33 0.04 3.37 -20.31
C THR A 33 1.49 2.91 -20.47
N GLN A 34 2.22 3.46 -21.44
CA GLN A 34 3.55 2.91 -21.73
C GLN A 34 4.56 3.04 -20.58
N LEU A 35 4.57 4.17 -19.88
CA LEU A 35 5.48 4.33 -18.76
C LEU A 35 5.02 3.50 -17.57
N LEU A 36 3.72 3.44 -17.37
CA LEU A 36 3.17 2.64 -16.26
C LEU A 36 3.50 1.16 -16.49
N ALA A 37 3.45 0.72 -17.74
CA ALA A 37 3.84 -0.66 -18.07
C ALA A 37 5.29 -0.94 -17.69
N THR A 38 6.18 -0.03 -18.09
CA THR A 38 7.59 -0.17 -17.75
C THR A 38 7.79 -0.20 -16.24
N ALA A 39 7.14 0.72 -15.55
CA ALA A 39 7.24 0.80 -14.09
C ALA A 39 6.76 -0.48 -13.41
N ILE A 40 5.61 -0.99 -13.82
CA ILE A 40 5.11 -2.25 -13.26
C ILE A 40 6.04 -3.43 -13.51
N LYS A 41 6.56 -3.51 -14.74
CA LYS A 41 7.44 -4.62 -15.12
C LYS A 41 8.73 -4.57 -14.31
N GLY A 42 9.34 -3.39 -14.24
CA GLY A 42 10.56 -3.20 -13.46
C GLY A 42 10.37 -3.43 -11.97
N GLU A 43 9.26 -2.91 -11.42
CA GLU A 43 8.95 -3.12 -10.01
C GLU A 43 8.81 -4.61 -9.72
N GLY A 44 8.14 -5.34 -10.61
CA GLY A 44 7.95 -6.76 -10.43
C GLY A 44 9.27 -7.51 -10.41
N ILE A 45 10.18 -7.12 -11.29
CA ILE A 45 11.50 -7.75 -11.36
C ILE A 45 12.27 -7.53 -10.07
N LEU A 46 12.20 -6.31 -9.54
CA LEU A 46 12.84 -5.99 -8.27
C LEU A 46 12.17 -6.72 -7.10
N ARG A 47 10.97 -7.25 -7.34
CA ARG A 47 10.27 -8.04 -6.32
C ARG A 47 10.41 -9.54 -6.64
N ASN A 48 11.34 -9.87 -7.53
CA ASN A 48 11.69 -11.25 -7.86
C ASN A 48 10.67 -11.98 -8.74
N TYR A 49 9.99 -11.24 -9.61
CA TYR A 49 9.10 -11.85 -10.60
C TYR A 49 9.53 -11.47 -12.01
N ASN A 50 9.58 -12.46 -12.88
CA ASN A 50 9.78 -12.20 -14.30
C ASN A 50 8.44 -11.86 -14.92
N ILE A 51 8.14 -10.56 -15.02
CA ILE A 51 6.86 -10.10 -15.53
C ILE A 51 6.81 -10.02 -17.05
N GLU A 52 5.95 -10.81 -17.66
CA GLU A 52 5.68 -10.66 -19.08
C GLU A 52 4.48 -9.73 -19.20
N LEU A 53 4.72 -8.52 -19.66
CA LEU A 53 3.66 -7.50 -19.64
C LEU A 53 3.08 -7.20 -21.01
N TRP A 54 1.81 -7.56 -21.20
CA TRP A 54 1.08 -7.21 -22.41
C TRP A 54 0.26 -5.94 -22.16
N GLU A 55 0.39 -4.99 -23.07
CA GLU A 55 -0.30 -3.70 -22.97
C GLU A 55 -1.32 -3.64 -24.08
N ALA A 56 -2.57 -3.36 -23.73
CA ALA A 56 -3.59 -3.11 -24.75
C ALA A 56 -3.26 -1.80 -25.43
N GLU A 57 -3.70 -1.67 -26.67
CA GLU A 57 -3.55 -0.41 -27.38
C GLU A 57 -4.32 0.68 -26.64
N TYR A 58 -3.96 1.93 -26.93
CA TYR A 58 -4.58 3.09 -26.25
C TYR A 58 -6.11 3.06 -26.22
N ASN A 59 -6.66 3.18 -25.02
CA ASN A 59 -8.10 3.32 -24.81
C ASN A 59 -8.93 2.20 -25.47
N GLN A 60 -8.56 0.95 -25.19
CA GLN A 60 -9.29 -0.20 -25.73
C GLN A 60 -9.73 -1.16 -24.62
N VAL A 61 -10.02 -0.62 -23.44
CA VAL A 61 -10.39 -1.46 -22.32
C VAL A 61 -11.64 -2.27 -22.65
N GLU A 62 -12.73 -1.58 -22.94
CA GLU A 62 -14.00 -2.25 -23.23
C GLU A 62 -13.88 -3.10 -24.49
N ARG A 63 -13.24 -2.55 -25.52
CA ARG A 63 -13.06 -3.25 -26.79
C ARG A 63 -12.44 -4.63 -26.58
N GLN A 64 -11.37 -4.68 -25.80
CA GLN A 64 -10.65 -5.93 -25.60
C GLN A 64 -11.40 -6.92 -24.71
N ILE A 65 -12.03 -6.40 -23.66
CA ILE A 65 -12.75 -7.25 -22.72
C ILE A 65 -14.04 -7.81 -23.33
N MSE A 66 -14.68 -7.02 -24.18
CA MSE A 66 -15.96 -7.37 -24.79
C MSE A 66 -15.83 -8.36 -25.95
O MSE A 66 -16.78 -9.07 -26.29
CB MSE A 66 -16.69 -6.12 -25.30
CG MSE A 66 -16.97 -5.05 -24.25
SE MSE A 66 -18.20 -5.63 -22.85
CE MSE A 66 -19.83 -5.83 -23.93
N ASP A 67 -14.64 -8.41 -26.54
CA ASP A 67 -14.39 -9.26 -27.71
C ASP A 67 -13.64 -10.52 -27.33
N PRO A 68 -14.33 -11.67 -27.30
CA PRO A 68 -13.76 -12.96 -26.87
C PRO A 68 -12.60 -13.42 -27.75
N THR A 69 -12.51 -12.90 -28.96
CA THR A 69 -11.42 -13.27 -29.88
C THR A 69 -10.23 -12.32 -29.78
N SER A 70 -10.35 -11.31 -28.91
CA SER A 70 -9.36 -10.25 -28.82
C SER A 70 -7.97 -10.74 -28.40
N ASP A 71 -6.96 -9.91 -28.66
CA ASP A 71 -5.59 -10.18 -28.23
C ASP A 71 -5.49 -10.40 -26.72
N TYR A 72 -6.35 -9.72 -25.97
CA TYR A 72 -6.34 -9.84 -24.51
C TYR A 72 -6.58 -11.28 -24.08
N TYR A 73 -7.65 -11.89 -24.57
CA TYR A 73 -7.97 -13.27 -24.21
C TYR A 73 -6.95 -14.26 -24.75
N GLN A 74 -6.41 -13.98 -25.92
CA GLN A 74 -5.37 -14.85 -26.47
C GLN A 74 -4.10 -14.84 -25.61
N PHE A 75 -3.90 -13.75 -24.88
CA PHE A 75 -2.71 -13.60 -24.04
C PHE A 75 -2.79 -14.48 -22.77
N GLU A 76 -4.00 -14.79 -22.34
CA GLU A 76 -4.23 -15.62 -21.14
C GLU A 76 -3.45 -15.13 -19.92
N PRO A 77 -3.74 -13.92 -19.46
CA PRO A 77 -2.94 -13.35 -18.37
C PRO A 77 -3.18 -14.02 -17.02
N ASP A 78 -2.16 -14.00 -16.18
CA ASP A 78 -2.29 -14.39 -14.78
C ASP A 78 -2.92 -13.25 -13.97
N TYR A 79 -2.59 -12.02 -14.35
CA TYR A 79 -3.20 -10.83 -13.73
C TYR A 79 -3.65 -9.87 -14.81
N THR A 80 -4.78 -9.21 -14.57
CA THR A 80 -5.32 -8.20 -15.48
C THR A 80 -5.47 -6.90 -14.71
N ILE A 81 -4.69 -5.90 -15.09
CA ILE A 81 -4.72 -4.61 -14.44
C ILE A 81 -5.51 -3.65 -15.33
N ILE A 82 -6.58 -3.10 -14.78
CA ILE A 82 -7.39 -2.13 -15.51
C ILE A 82 -7.19 -0.75 -14.90
N PHE A 83 -6.87 0.23 -15.74
CA PHE A 83 -6.73 1.60 -15.28
C PHE A 83 -7.74 2.50 -16.00
N HIS A 84 -8.93 2.60 -15.42
CA HIS A 84 -9.92 3.61 -15.80
C HIS A 84 -9.64 4.86 -14.97
N SER A 85 -9.35 5.97 -15.62
CA SER A 85 -9.00 7.19 -14.89
C SER A 85 -10.22 8.02 -14.52
N THR A 86 -10.14 8.71 -13.39
CA THR A 86 -11.18 9.66 -13.05
C THR A 86 -11.29 10.72 -14.14
N HIS A 87 -10.15 11.14 -14.66
CA HIS A 87 -10.11 12.20 -15.66
C HIS A 87 -10.95 11.90 -16.89
N LYS A 88 -10.86 10.68 -17.39
CA LYS A 88 -11.60 10.30 -18.59
C LYS A 88 -13.07 10.06 -18.27
N LEU A 89 -13.37 9.59 -17.07
CA LEU A 89 -14.76 9.40 -16.63
C LEU A 89 -15.44 10.76 -16.49
N LEU A 90 -14.67 11.75 -16.00
CA LEU A 90 -15.15 13.13 -15.88
C LEU A 90 -15.56 13.66 -17.26
N GLU A 91 -14.74 13.39 -18.27
CA GLU A 91 -15.11 13.79 -19.62
C GLU A 91 -16.37 13.08 -20.10
N LYS A 92 -16.44 11.77 -19.88
CA LYS A 92 -17.61 10.98 -20.26
C LYS A 92 -18.89 11.57 -19.66
N HIS A 93 -18.82 11.86 -18.36
CA HIS A 93 -19.94 12.46 -17.64
C HIS A 93 -20.35 13.81 -18.22
N SER A 94 -19.37 14.63 -18.58
CA SER A 94 -19.65 16.02 -18.99
C SER A 94 -20.42 16.10 -20.31
N LEU A 95 -20.30 15.07 -21.15
CA LEU A 95 -20.87 15.10 -22.50
C LEU A 95 -22.32 14.60 -22.60
N VAL A 96 -22.87 14.09 -21.51
CA VAL A 96 -24.22 13.53 -21.56
C VAL A 96 -25.21 14.31 -20.70
N ASN A 97 -26.50 14.17 -20.99
CA ASN A 97 -27.52 14.85 -20.21
C ASN A 97 -27.76 14.16 -18.86
N SER A 98 -28.62 14.76 -18.04
CA SER A 98 -28.83 14.28 -16.68
C SER A 98 -29.31 12.82 -16.59
N ASP A 99 -30.12 12.39 -17.54
CA ASP A 99 -30.59 11.00 -17.51
C ASP A 99 -29.43 10.01 -17.55
N LEU A 100 -28.45 10.26 -18.41
CA LEU A 100 -27.30 9.38 -18.52
C LEU A 100 -26.29 9.60 -17.39
N GLN A 101 -26.20 10.83 -16.90
CA GLN A 101 -25.31 11.13 -15.78
C GLN A 101 -25.75 10.36 -14.54
N ASN A 102 -27.06 10.24 -14.36
CA ASN A 102 -27.61 9.50 -13.24
C ASN A 102 -27.23 8.02 -13.28
N LYS A 103 -26.76 7.57 -14.43
CA LYS A 103 -26.41 6.17 -14.64
C LYS A 103 -24.90 5.98 -14.75
N LEU A 104 -24.12 7.03 -14.49
CA LEU A 104 -22.66 6.96 -14.67
C LEU A 104 -22.06 5.83 -13.85
N ALA A 105 -22.27 5.87 -12.54
CA ALA A 105 -21.73 4.82 -11.68
C ALA A 105 -22.29 3.45 -12.03
N ASP A 106 -23.61 3.36 -12.18
CA ASP A 106 -24.25 2.08 -12.48
C ASP A 106 -23.68 1.42 -13.74
N ASP A 107 -23.50 2.20 -14.80
CA ASP A 107 -22.98 1.65 -16.05
C ASP A 107 -21.56 1.12 -15.90
N ARG A 108 -20.73 1.89 -15.20
CA ARG A 108 -19.34 1.53 -14.99
C ARG A 108 -19.31 0.27 -14.13
N LEU A 109 -20.16 0.24 -13.10
CA LEU A 109 -20.24 -0.92 -12.21
C LEU A 109 -20.69 -2.16 -12.98
N ASP A 110 -21.63 -1.98 -13.91
CA ASP A 110 -22.03 -3.09 -14.77
C ASP A 110 -20.85 -3.64 -15.56
N PHE A 111 -20.02 -2.75 -16.10
CA PHE A 111 -18.88 -3.21 -16.88
C PHE A 111 -17.90 -3.97 -15.98
N VAL A 112 -17.67 -3.44 -14.78
CA VAL A 112 -16.78 -4.11 -13.83
C VAL A 112 -17.29 -5.52 -13.49
N ARG A 113 -18.59 -5.65 -13.22
CA ARG A 113 -19.14 -6.98 -12.95
C ARG A 113 -19.00 -7.92 -14.14
N LEU A 114 -19.21 -7.39 -15.34
CA LEU A 114 -19.06 -8.19 -16.55
C LEU A 114 -17.63 -8.73 -16.63
N LEU A 115 -16.67 -7.86 -16.41
CA LEU A 115 -15.26 -8.23 -16.35
C LEU A 115 -15.02 -9.33 -15.31
N CYS A 116 -15.59 -9.16 -14.12
CA CYS A 116 -15.44 -10.18 -13.07
C CYS A 116 -16.03 -11.53 -13.46
N GLU A 117 -17.16 -11.50 -14.16
CA GLU A 117 -17.90 -12.72 -14.52
C GLU A 117 -17.15 -13.56 -15.55
N GLN A 118 -16.24 -12.94 -16.29
CA GLN A 118 -15.49 -13.65 -17.31
C GLN A 118 -14.63 -14.77 -16.72
N GLY A 119 -14.09 -14.53 -15.54
CA GLY A 119 -13.28 -15.52 -14.85
C GLY A 119 -11.89 -15.69 -15.43
N ILE A 120 -11.21 -14.57 -15.70
CA ILE A 120 -9.91 -14.58 -16.39
C ILE A 120 -8.74 -14.16 -15.49
N GLY A 121 -8.15 -15.11 -14.76
CA GLY A 121 -7.08 -14.79 -13.84
C GLY A 121 -7.60 -13.85 -12.76
N ARG A 122 -6.69 -13.14 -12.09
CA ARG A 122 -7.08 -12.15 -11.09
C ARG A 122 -7.09 -10.76 -11.70
N VAL A 123 -8.03 -9.94 -11.26
CA VAL A 123 -8.14 -8.57 -11.76
C VAL A 123 -7.67 -7.61 -10.69
N ILE A 124 -6.84 -6.66 -11.08
CA ILE A 124 -6.46 -5.55 -10.20
C ILE A 124 -7.00 -4.27 -10.82
N TYR A 125 -7.81 -3.55 -10.06
CA TYR A 125 -8.58 -2.44 -10.61
C TYR A 125 -8.33 -1.18 -9.79
N TYR A 126 -7.78 -0.15 -10.41
CA TYR A 126 -7.56 1.12 -9.71
C TYR A 126 -8.89 1.82 -9.47
N ASN A 127 -9.18 2.18 -8.22
CA ASN A 127 -10.36 2.98 -7.95
C ASN A 127 -10.10 4.45 -8.28
N TYR A 128 -11.03 5.31 -7.90
CA TYR A 128 -11.11 6.65 -8.49
C TYR A 128 -10.87 7.80 -7.50
N PRO A 129 -9.69 8.46 -7.59
CA PRO A 129 -9.54 9.67 -6.77
C PRO A 129 -10.52 10.73 -7.21
N GLU A 130 -11.10 11.46 -6.25
CA GLU A 130 -12.10 12.45 -6.64
C GLU A 130 -11.47 13.65 -7.34
N ILE A 131 -12.02 14.02 -8.50
CA ILE A 131 -11.76 15.34 -9.05
C ILE A 131 -13.02 16.16 -8.77
N GLU A 132 -12.93 17.12 -7.86
CA GLU A 132 -14.07 17.96 -7.56
C GLU A 132 -14.21 19.03 -8.65
N ASP A 133 -15.28 18.97 -9.44
CA ASP A 133 -15.37 19.87 -10.58
C ASP A 133 -15.90 21.26 -10.20
N THR A 134 -16.35 21.37 -8.96
CA THR A 134 -16.97 22.59 -8.42
C THR A 134 -18.11 23.18 -9.26
N ILE A 135 -18.71 22.37 -10.12
CA ILE A 135 -19.87 22.80 -10.92
C ILE A 135 -21.03 23.24 -10.02
N TRP A 136 -21.21 22.53 -8.90
CA TRP A 136 -22.25 22.86 -7.92
C TRP A 136 -21.70 23.39 -6.62
N GLY A 137 -20.39 23.49 -6.50
CA GLY A 137 -19.79 23.64 -5.18
C GLY A 137 -20.02 22.41 -4.32
N SER A 138 -19.99 22.58 -3.00
CA SER A 138 -20.29 21.48 -2.09
C SER A 138 -21.70 20.95 -2.27
N TYR A 139 -22.58 21.77 -2.84
CA TYR A 139 -23.98 21.40 -3.05
C TYR A 139 -24.09 20.14 -3.93
N ALA A 140 -23.00 19.78 -4.59
CA ALA A 140 -22.99 18.58 -5.43
C ALA A 140 -23.51 17.33 -4.70
N THR A 141 -23.34 17.27 -3.38
CA THR A 141 -23.74 16.07 -2.64
C THR A 141 -25.26 15.84 -2.68
N LYS A 142 -26.00 16.91 -2.93
CA LYS A 142 -27.47 16.87 -2.96
C LYS A 142 -28.02 16.56 -4.34
N VAL A 143 -27.13 16.49 -5.32
CA VAL A 143 -27.52 16.32 -6.71
C VAL A 143 -27.04 14.97 -7.22
N GLN A 144 -27.97 14.02 -7.37
CA GLN A 144 -27.58 12.68 -7.78
C GLN A 144 -26.78 12.62 -9.08
N SER A 145 -27.09 13.50 -10.02
CA SER A 145 -26.44 13.44 -11.34
C SER A 145 -25.06 14.10 -11.34
N SER A 146 -24.66 14.70 -10.22
CA SER A 146 -23.37 15.40 -10.16
C SER A 146 -22.22 14.40 -10.24
N PHE A 147 -21.06 14.87 -10.70
CA PHE A 147 -19.91 13.97 -10.82
C PHE A 147 -19.46 13.53 -9.43
N THR A 148 -19.48 14.45 -8.47
CA THR A 148 -19.07 14.13 -7.10
C THR A 148 -19.94 13.04 -6.48
N TYR A 149 -21.26 13.14 -6.66
CA TYR A 149 -22.14 12.08 -6.16
C TYR A 149 -21.89 10.73 -6.87
N GLN A 150 -21.86 10.73 -8.20
CA GLN A 150 -21.66 9.51 -8.96
C GLN A 150 -20.34 8.83 -8.61
N LEU A 151 -19.28 9.62 -8.43
CA LEU A 151 -17.98 9.04 -8.10
C LEU A 151 -17.95 8.42 -6.71
N THR A 152 -18.59 9.08 -5.75
CA THR A 152 -18.67 8.59 -4.39
C THR A 152 -19.46 7.27 -4.33
N LYS A 153 -20.58 7.23 -5.04
CA LYS A 153 -21.35 6.00 -5.21
C LYS A 153 -20.49 4.90 -5.85
N LEU A 154 -19.83 5.24 -6.95
CA LEU A 154 -18.99 4.29 -7.67
C LEU A 154 -17.92 3.66 -6.77
N ASN A 155 -17.18 4.47 -6.02
CA ASN A 155 -16.09 3.95 -5.20
C ASN A 155 -16.61 3.04 -4.10
N TYR A 156 -17.76 3.40 -3.55
CA TYR A 156 -18.40 2.58 -2.51
C TYR A 156 -18.80 1.22 -3.07
N GLU A 157 -19.52 1.23 -4.19
CA GLU A 157 -19.97 -0.04 -4.77
C GLU A 157 -18.83 -0.90 -5.31
N LEU A 158 -17.75 -0.26 -5.76
CA LEU A 158 -16.57 -1.02 -6.16
C LEU A 158 -16.04 -1.84 -5.00
N MSE A 159 -16.08 -1.28 -3.80
CA MSE A 159 -15.62 -2.06 -2.66
C MSE A 159 -16.53 -3.26 -2.39
O MSE A 159 -16.05 -4.35 -2.06
CB MSE A 159 -15.50 -1.16 -1.42
CG MSE A 159 -14.46 -0.08 -1.63
SE MSE A 159 -13.99 0.82 0.06
CE MSE A 159 -12.82 2.20 -0.71
N ASN A 160 -17.83 -3.07 -2.57
CA ASN A 160 -18.77 -4.17 -2.45
C ASN A 160 -18.54 -5.24 -3.53
N ILE A 161 -18.19 -4.82 -4.74
CA ILE A 161 -17.82 -5.79 -5.76
C ILE A 161 -16.60 -6.61 -5.32
N SER A 162 -15.61 -5.97 -4.72
CA SER A 162 -14.42 -6.70 -4.27
C SER A 162 -14.76 -7.73 -3.19
N GLN A 163 -15.83 -7.48 -2.44
CA GLN A 163 -16.23 -8.40 -1.37
C GLN A 163 -17.06 -9.58 -1.91
N ALA A 164 -17.55 -9.43 -3.13
CA ALA A 164 -18.40 -10.44 -3.75
C ALA A 164 -17.59 -11.36 -4.67
N TYR A 165 -16.50 -10.83 -5.23
CA TYR A 165 -15.69 -11.58 -6.19
C TYR A 165 -14.26 -11.73 -5.70
N PRO A 166 -13.91 -12.94 -5.25
CA PRO A 166 -12.58 -13.22 -4.69
C PRO A 166 -11.46 -12.93 -5.67
N ASN A 167 -11.80 -12.91 -6.95
N ASN A 167 -11.73 -12.94 -6.96
CA ASN A 167 -10.88 -12.73 -8.04
CA ASN A 167 -10.66 -12.69 -7.92
C ASN A 167 -10.57 -11.25 -8.32
C ASN A 167 -10.57 -11.23 -8.37
N PHE A 168 -11.38 -10.37 -7.74
CA PHE A 168 -11.32 -8.93 -8.03
C PHE A 168 -10.66 -8.17 -6.89
N PHE A 169 -9.52 -7.54 -7.18
CA PHE A 169 -8.81 -6.73 -6.19
C PHE A 169 -8.78 -5.26 -6.61
N ILE A 170 -9.07 -4.38 -5.66
CA ILE A 170 -8.90 -2.97 -5.88
C ILE A 170 -7.46 -2.58 -5.51
N CYS A 171 -6.87 -1.69 -6.28
CA CYS A 171 -5.69 -0.97 -5.82
C CYS A 171 -6.18 0.44 -5.46
N ASN A 172 -5.94 0.85 -4.21
CA ASN A 172 -6.59 2.03 -3.64
C ASN A 172 -5.93 3.35 -4.06
N LEU A 173 -5.95 3.61 -5.37
CA LEU A 173 -5.43 4.85 -5.93
C LEU A 173 -6.05 6.07 -5.24
N ALA A 174 -7.32 5.97 -4.87
CA ALA A 174 -8.02 7.07 -4.22
C ALA A 174 -7.37 7.43 -2.87
N GLY A 175 -7.10 6.41 -2.05
CA GLY A 175 -6.49 6.63 -0.74
C GLY A 175 -5.06 7.10 -0.87
N ILE A 176 -4.34 6.54 -1.85
CA ILE A 176 -2.98 6.97 -2.14
C ILE A 176 -2.98 8.46 -2.49
N SER A 177 -3.84 8.83 -3.44
N SER A 177 -3.85 8.83 -3.42
CA SER A 177 -3.90 10.20 -3.92
CA SER A 177 -3.93 10.19 -3.94
C SER A 177 -4.37 11.19 -2.84
C SER A 177 -4.42 11.19 -2.88
N ALA A 178 -5.23 10.72 -1.93
CA ALA A 178 -5.70 11.59 -0.84
C ALA A 178 -4.51 12.10 -0.01
N LYS A 179 -3.48 11.28 0.14
CA LYS A 179 -2.29 11.71 0.89
C LYS A 179 -1.43 12.70 0.11
N TYR A 180 -1.05 12.33 -1.11
CA TYR A 180 -0.11 13.16 -1.89
C TYR A 180 -0.81 14.35 -2.56
N GLY A 181 -2.08 14.17 -2.92
CA GLY A 181 -2.83 15.22 -3.59
C GLY A 181 -2.71 15.15 -5.10
N ARG A 182 -3.79 15.48 -5.79
CA ARG A 182 -3.77 15.51 -7.25
C ARG A 182 -2.73 16.51 -7.76
N ASN A 183 -2.49 17.58 -7.00
CA ASN A 183 -1.44 18.54 -7.37
C ASN A 183 -0.08 17.88 -7.60
N PHE A 184 0.16 16.76 -6.93
CA PHE A 184 1.41 16.01 -7.05
C PHE A 184 1.26 14.82 -8.01
N MSE A 185 0.09 14.17 -8.00
CA MSE A 185 -0.11 12.94 -8.74
C MSE A 185 -0.31 13.16 -10.23
O MSE A 185 -0.06 12.27 -11.05
CB MSE A 185 -1.34 12.18 -8.20
CG MSE A 185 -1.26 11.82 -6.73
SE MSE A 185 -0.01 10.39 -6.31
CE MSE A 185 -0.77 8.93 -7.37
N PHE A 186 -0.78 14.35 -10.59
CA PHE A 186 -1.17 14.70 -11.95
C PHE A 186 -0.30 15.85 -12.46
N ASP A 187 0.19 15.72 -13.69
CA ASP A 187 1.04 16.73 -14.29
C ASP A 187 0.33 17.20 -15.57
N SER A 188 -0.36 18.33 -15.47
CA SER A 188 -1.17 18.81 -16.57
C SER A 188 -0.38 18.94 -17.88
N SER A 189 0.80 19.53 -17.80
CA SER A 189 1.57 19.83 -19.00
C SER A 189 1.94 18.56 -19.75
N VAL A 190 2.38 17.54 -19.01
CA VAL A 190 2.70 16.25 -19.59
C VAL A 190 1.45 15.60 -20.17
N TYR A 191 0.35 15.61 -19.42
CA TYR A 191 -0.90 15.00 -19.90
C TYR A 191 -1.37 15.63 -21.21
N VAL A 192 -1.32 16.96 -21.27
CA VAL A 192 -1.76 17.65 -22.48
C VAL A 192 -0.99 17.15 -23.70
N ASN A 193 0.30 16.92 -23.53
CA ASN A 193 1.16 16.59 -24.66
C ASN A 193 1.41 15.10 -24.90
N THR A 194 1.01 14.26 -23.95
CA THR A 194 1.35 12.84 -24.04
C THR A 194 0.23 11.88 -23.67
N GLU A 195 -0.83 12.40 -23.07
CA GLU A 195 -1.93 11.57 -22.57
C GLU A 195 -1.52 10.73 -21.35
N ILE A 196 -0.34 11.03 -20.80
CA ILE A 196 0.08 10.36 -19.57
C ILE A 196 -0.53 11.10 -18.37
N ILE A 197 -1.26 10.36 -17.53
CA ILE A 197 -2.08 10.97 -16.49
C ILE A 197 -1.41 10.97 -15.13
N LEU A 198 -0.37 10.17 -14.98
CA LEU A 198 0.39 10.14 -13.72
C LEU A 198 1.70 10.88 -13.87
N SER A 199 2.08 11.65 -12.86
CA SER A 199 3.36 12.36 -12.89
C SER A 199 4.53 11.40 -12.74
N LEU A 200 5.72 11.86 -13.13
CA LEU A 200 6.92 11.04 -13.07
C LEU A 200 7.17 10.50 -11.68
N ASP A 201 6.88 11.32 -10.67
CA ASP A 201 7.15 10.91 -9.29
C ASP A 201 6.03 10.06 -8.72
N ALA A 202 4.86 10.11 -9.35
CA ALA A 202 3.75 9.26 -8.93
C ALA A 202 3.89 7.85 -9.47
N LEU A 203 4.52 7.72 -10.63
CA LEU A 203 4.62 6.42 -11.30
C LEU A 203 5.16 5.29 -10.42
N PRO A 204 6.30 5.50 -9.74
CA PRO A 204 6.84 4.43 -8.89
C PRO A 204 5.98 4.13 -7.67
N ILE A 205 5.20 5.11 -7.21
CA ILE A 205 4.27 4.86 -6.12
C ILE A 205 3.20 3.88 -6.56
N ILE A 206 2.62 4.11 -7.73
CA ILE A 206 1.58 3.23 -8.23
C ILE A 206 2.13 1.83 -8.61
N SER A 207 3.31 1.76 -9.21
CA SER A 207 3.86 0.44 -9.54
C SER A 207 4.12 -0.36 -8.27
N SER A 208 4.63 0.30 -7.24
CA SER A 208 4.95 -0.40 -6.00
C SER A 208 3.67 -0.94 -5.37
N ARG A 209 2.64 -0.12 -5.32
CA ARG A 209 1.34 -0.53 -4.75
C ARG A 209 0.65 -1.60 -5.58
N THR A 210 0.94 -1.64 -6.88
CA THR A 210 0.37 -2.66 -7.76
C THR A 210 1.08 -3.99 -7.51
N ILE A 211 2.41 -3.93 -7.46
CA ILE A 211 3.17 -5.15 -7.22
C ILE A 211 2.95 -5.68 -5.81
N ASP A 212 2.68 -4.79 -4.83
CA ASP A 212 2.40 -5.25 -3.47
C ASP A 212 1.25 -6.25 -3.51
N ILE A 213 0.25 -5.97 -4.35
CA ILE A 213 -0.94 -6.81 -4.43
C ILE A 213 -0.59 -8.15 -5.07
N ILE A 214 0.08 -8.10 -6.23
CA ILE A 214 0.51 -9.31 -6.90
C ILE A 214 1.34 -10.20 -5.97
N ALA A 215 2.33 -9.61 -5.31
CA ALA A 215 3.16 -10.38 -4.38
C ALA A 215 2.34 -11.04 -3.28
N ALA A 216 1.41 -10.30 -2.69
CA ALA A 216 0.57 -10.85 -1.62
C ALA A 216 -0.22 -12.04 -2.11
N ILE A 217 -0.83 -11.90 -3.28
CA ILE A 217 -1.58 -13.01 -3.88
C ILE A 217 -0.67 -14.22 -4.13
N GLN A 218 0.56 -13.98 -4.54
CA GLN A 218 1.54 -15.05 -4.77
C GLN A 218 2.07 -15.66 -3.47
N GLY A 219 1.68 -15.07 -2.33
CA GLY A 219 2.03 -15.62 -1.03
C GLY A 219 3.20 -14.94 -0.34
N LYS A 220 3.59 -13.78 -0.86
CA LYS A 220 4.66 -13.00 -0.24
C LYS A 220 4.06 -11.75 0.39
N PHE A 221 4.01 -11.74 1.72
CA PHE A 221 3.43 -10.64 2.46
C PHE A 221 4.01 -10.66 3.89
N LYS A 222 3.99 -9.50 4.55
CA LYS A 222 4.55 -9.39 5.89
C LYS A 222 3.64 -9.99 6.94
N LYS A 223 4.23 -10.62 7.95
CA LYS A 223 3.47 -11.36 8.95
C LYS A 223 3.82 -10.90 10.36
N CYS A 224 4.87 -10.10 10.49
CA CYS A 224 5.41 -9.76 11.79
C CYS A 224 6.06 -8.38 11.82
N LEU A 225 5.77 -7.63 12.89
CA LEU A 225 6.38 -6.33 13.14
C LEU A 225 7.22 -6.40 14.43
N ILE A 226 8.49 -6.06 14.33
CA ILE A 226 9.41 -6.06 15.47
C ILE A 226 9.69 -4.62 15.85
N LEU A 227 9.50 -4.30 17.13
CA LEU A 227 9.58 -2.92 17.61
C LEU A 227 10.73 -2.71 18.59
N ASP A 228 11.50 -1.65 18.36
CA ASP A 228 12.34 -1.11 19.42
C ASP A 228 11.40 -0.41 20.42
N LEU A 229 11.87 -0.12 21.63
CA LEU A 229 11.03 0.55 22.62
C LEU A 229 11.36 2.03 22.75
N ASP A 230 12.52 2.35 23.30
CA ASP A 230 12.85 3.76 23.61
C ASP A 230 12.84 4.65 22.36
N ASN A 231 12.02 5.68 22.39
CA ASN A 231 11.92 6.62 21.29
C ASN A 231 11.38 6.01 20.00
N THR A 232 10.82 4.81 20.11
CA THR A 232 10.13 4.19 19.00
C THR A 232 8.64 4.07 19.31
N ILE A 233 8.27 3.41 20.40
CA ILE A 233 6.86 3.37 20.81
C ILE A 233 6.51 4.31 21.99
N TRP A 234 7.51 4.91 22.61
CA TRP A 234 7.29 5.95 23.62
C TRP A 234 8.45 6.93 23.55
N GLY A 235 8.24 8.16 23.98
CA GLY A 235 9.33 9.12 24.01
C GLY A 235 10.18 8.92 25.25
N GLY A 236 11.48 9.12 25.11
CA GLY A 236 12.36 9.03 26.26
C GLY A 236 13.03 7.68 26.40
N VAL A 237 13.84 7.55 27.43
CA VAL A 237 14.61 6.32 27.63
C VAL A 237 14.23 5.78 29.00
N VAL A 238 13.60 4.61 29.00
CA VAL A 238 12.99 4.11 30.23
C VAL A 238 14.02 3.88 31.34
N GLY A 239 15.21 3.44 30.94
CA GLY A 239 16.28 3.16 31.87
C GLY A 239 16.74 4.40 32.62
N ASP A 240 16.70 5.56 31.95
CA ASP A 240 17.14 6.80 32.58
C ASP A 240 15.99 7.57 33.23
N ASP A 241 14.84 7.57 32.58
CA ASP A 241 13.73 8.46 32.96
C ASP A 241 12.72 7.82 33.91
N GLY A 242 12.62 6.51 33.86
CA GLY A 242 11.66 5.79 34.68
C GLY A 242 10.36 5.48 33.95
N TRP A 243 9.73 4.38 34.33
CA TRP A 243 8.53 3.92 33.65
C TRP A 243 7.39 4.94 33.73
N GLU A 244 7.31 5.69 34.82
CA GLU A 244 6.22 6.67 34.93
C GLU A 244 6.43 7.86 34.00
N ASN A 245 7.65 8.04 33.52
CA ASN A 245 8.01 9.26 32.81
C ASN A 245 8.20 9.16 31.29
N ILE A 246 7.97 7.99 30.71
CA ILE A 246 8.02 7.87 29.26
C ILE A 246 6.94 8.75 28.62
N GLN A 247 7.20 9.23 27.42
N GLN A 247 7.20 9.25 27.42
CA GLN A 247 6.28 10.16 26.75
CA GLN A 247 6.25 10.16 26.79
C GLN A 247 5.21 9.41 25.95
C GLN A 247 5.21 9.43 25.96
N VAL A 248 4.00 9.37 26.49
CA VAL A 248 2.88 8.69 25.85
C VAL A 248 1.60 9.22 26.49
N GLY A 249 0.54 9.39 25.71
CA GLY A 249 -0.72 9.84 26.25
C GLY A 249 -1.21 11.14 25.62
N HIS A 250 -2.48 11.45 25.83
CA HIS A 250 -3.02 12.69 25.29
C HIS A 250 -2.55 13.88 26.12
N GLY A 251 -2.98 15.07 25.71
CA GLY A 251 -2.35 16.27 26.21
C GLY A 251 -1.34 16.67 25.16
N LEU A 252 -0.89 17.91 25.20
CA LEU A 252 -0.08 18.45 24.12
C LEU A 252 1.31 17.88 24.13
N GLY A 253 1.90 17.73 22.95
CA GLY A 253 3.30 17.33 22.87
C GLY A 253 3.50 15.95 22.30
N ILE A 254 4.76 15.57 22.12
CA ILE A 254 5.10 14.37 21.36
C ILE A 254 4.51 13.05 21.87
N GLY A 255 4.18 12.99 23.15
CA GLY A 255 3.56 11.80 23.73
C GLY A 255 2.31 11.37 22.99
N LYS A 256 1.57 12.37 22.49
CA LYS A 256 0.37 12.08 21.71
C LYS A 256 0.70 11.34 20.40
N ALA A 257 1.80 11.70 19.78
CA ALA A 257 2.23 11.00 18.55
C ALA A 257 2.54 9.53 18.82
N PHE A 258 3.14 9.25 19.98
CA PHE A 258 3.46 7.87 20.34
C PHE A 258 2.18 7.09 20.62
N THR A 259 1.20 7.75 21.22
CA THR A 259 -0.12 7.13 21.45
C THR A 259 -0.76 6.71 20.13
N GLU A 260 -0.78 7.62 19.17
CA GLU A 260 -1.42 7.35 17.88
C GLU A 260 -0.65 6.30 17.07
N PHE A 261 0.67 6.30 17.20
CA PHE A 261 1.50 5.25 16.61
C PHE A 261 1.24 3.88 17.24
N GLN A 262 1.11 3.84 18.56
CA GLN A 262 0.77 2.58 19.23
C GLN A 262 -0.60 2.09 18.81
N GLU A 263 -1.52 3.01 18.54
CA GLU A 263 -2.86 2.63 18.07
C GLU A 263 -2.82 1.94 16.69
N TRP A 264 -1.90 2.39 15.84
CA TRP A 264 -1.67 1.76 14.55
C TRP A 264 -1.14 0.34 14.76
N VAL A 265 -0.19 0.19 15.68
CA VAL A 265 0.37 -1.13 15.97
C VAL A 265 -0.73 -2.06 16.49
N LYS A 266 -1.57 -1.52 17.35
CA LYS A 266 -2.70 -2.27 17.90
C LYS A 266 -3.61 -2.80 16.79
N LYS A 267 -3.87 -1.99 15.77
CA LYS A 267 -4.66 -2.46 14.64
C LYS A 267 -3.99 -3.63 13.91
N LEU A 268 -2.68 -3.56 13.73
CA LEU A 268 -1.93 -4.67 13.13
C LEU A 268 -2.09 -5.95 13.96
N LYS A 269 -1.88 -5.84 15.26
CA LYS A 269 -2.00 -6.99 16.13
C LYS A 269 -3.42 -7.56 15.98
N ASN A 270 -4.40 -6.68 15.99
CA ASN A 270 -5.80 -7.12 15.91
C ASN A 270 -6.17 -7.80 14.57
N ARG A 271 -5.37 -7.61 13.53
CA ARG A 271 -5.62 -8.29 12.25
C ARG A 271 -4.66 -9.48 12.03
N GLY A 272 -3.99 -9.90 13.09
CA GLY A 272 -3.20 -11.12 13.03
C GLY A 272 -1.72 -10.93 12.80
N ILE A 273 -1.27 -9.68 12.71
CA ILE A 273 0.16 -9.44 12.60
C ILE A 273 0.83 -9.77 13.94
N ILE A 274 1.88 -10.58 13.90
CA ILE A 274 2.59 -10.92 15.14
C ILE A 274 3.47 -9.75 15.55
N ILE A 275 3.32 -9.29 16.80
CA ILE A 275 4.18 -8.22 17.31
C ILE A 275 5.28 -8.75 18.20
N ALA A 276 6.50 -8.30 17.98
CA ALA A 276 7.62 -8.69 18.82
C ALA A 276 8.37 -7.44 19.26
N VAL A 277 9.06 -7.53 20.40
CA VAL A 277 9.91 -6.43 20.86
C VAL A 277 11.37 -6.86 20.78
N CYS A 278 12.23 -5.93 20.36
CA CYS A 278 13.66 -6.15 20.33
C CYS A 278 14.37 -4.88 20.79
N SER A 279 14.84 -4.90 22.03
CA SER A 279 15.27 -3.68 22.70
C SER A 279 16.57 -3.88 23.48
N LYS A 280 17.42 -2.87 23.46
CA LYS A 280 18.62 -2.82 24.31
C LYS A 280 18.18 -2.31 25.68
N ASN A 281 17.86 -3.23 26.58
CA ASN A 281 17.36 -2.89 27.91
C ASN A 281 17.39 -4.11 28.81
N ASN A 282 17.42 -3.86 30.12
CA ASN A 282 17.08 -4.88 31.08
C ASN A 282 15.62 -5.29 30.87
N GLU A 283 15.36 -6.59 30.83
CA GLU A 283 14.01 -7.06 30.51
C GLU A 283 12.96 -6.54 31.49
N GLY A 284 13.28 -6.60 32.78
CA GLY A 284 12.37 -6.11 33.80
C GLY A 284 11.95 -4.67 33.58
N LYS A 285 12.93 -3.81 33.33
CA LYS A 285 12.68 -2.38 33.12
C LYS A 285 11.87 -2.13 31.84
N ALA A 286 12.16 -2.91 30.81
CA ALA A 286 11.50 -2.75 29.53
C ALA A 286 10.05 -3.13 29.61
N LYS A 287 9.72 -4.12 30.43
CA LYS A 287 8.34 -4.57 30.58
C LYS A 287 7.52 -3.69 31.52
N GLU A 288 8.19 -2.96 32.39
CA GLU A 288 7.49 -2.20 33.43
C GLU A 288 6.42 -1.22 32.92
N PRO A 289 6.73 -0.44 31.86
CA PRO A 289 5.70 0.48 31.37
C PRO A 289 4.46 -0.26 30.86
N PHE A 290 4.64 -1.39 30.17
CA PHE A 290 3.50 -2.19 29.73
C PHE A 290 2.65 -2.60 30.92
N GLU A 291 3.33 -2.95 32.02
CA GLU A 291 2.67 -3.47 33.21
C GLU A 291 2.08 -2.37 34.12
N ARG A 292 2.76 -1.23 34.23
CA ARG A 292 2.43 -0.24 35.28
C ARG A 292 1.84 1.07 34.76
N ASN A 293 2.20 1.46 33.55
CA ASN A 293 1.78 2.75 33.00
C ASN A 293 0.44 2.67 32.26
N PRO A 294 -0.60 3.28 32.82
CA PRO A 294 -1.98 3.22 32.31
C PRO A 294 -2.16 3.88 30.95
N GLU A 295 -1.22 4.74 30.54
CA GLU A 295 -1.34 5.41 29.26
C GLU A 295 -0.85 4.57 28.09
N MSE A 296 -0.22 3.42 28.38
CA MSE A 296 0.19 2.52 27.30
C MSE A 296 -1.04 2.00 26.55
O MSE A 296 -2.02 1.56 27.15
CB MSE A 296 1.01 1.35 27.86
CG MSE A 296 2.37 1.74 28.40
SE MSE A 296 3.65 2.19 27.01
CE MSE A 296 3.91 0.42 26.20
N VAL A 297 -0.99 2.07 25.22
CA VAL A 297 -2.01 1.43 24.40
C VAL A 297 -1.70 -0.05 24.25
N LEU A 298 -0.46 -0.34 23.90
CA LEU A 298 0.01 -1.73 23.82
C LEU A 298 0.20 -2.31 25.22
N LYS A 299 -0.26 -3.55 25.42
CA LYS A 299 -0.06 -4.25 26.68
C LYS A 299 0.81 -5.50 26.42
N LEU A 300 1.29 -6.13 27.48
CA LEU A 300 2.13 -7.30 27.30
C LEU A 300 1.45 -8.38 26.48
N ASP A 301 0.13 -8.52 26.59
CA ASP A 301 -0.55 -9.60 25.88
C ASP A 301 -0.69 -9.33 24.38
N ASP A 302 -0.24 -8.15 23.94
CA ASP A 302 -0.21 -7.83 22.52
C ASP A 302 1.12 -8.26 21.92
N ILE A 303 2.09 -8.59 22.78
CA ILE A 303 3.44 -8.89 22.32
C ILE A 303 3.72 -10.39 22.36
N ALA A 304 3.91 -10.99 21.19
CA ALA A 304 4.12 -12.44 21.08
C ALA A 304 5.48 -12.91 21.59
N VAL A 305 6.53 -12.15 21.29
CA VAL A 305 7.87 -12.48 21.74
C VAL A 305 8.51 -11.20 22.21
N PHE A 306 9.00 -11.20 23.46
CA PHE A 306 9.54 -9.99 24.07
C PHE A 306 11.01 -10.21 24.37
N VAL A 307 11.88 -9.56 23.59
CA VAL A 307 13.32 -9.73 23.75
C VAL A 307 13.95 -8.41 24.16
N ALA A 308 14.42 -8.34 25.40
CA ALA A 308 15.14 -7.17 25.88
C ALA A 308 16.40 -7.65 26.57
N ASN A 309 17.55 -7.27 26.01
CA ASN A 309 18.83 -7.57 26.62
C ASN A 309 19.87 -6.66 26.01
N TRP A 310 21.14 -6.93 26.27
CA TRP A 310 22.20 -6.02 25.84
C TRP A 310 23.00 -6.59 24.68
N GLU A 311 22.48 -7.65 24.09
CA GLU A 311 23.10 -8.27 22.91
C GLU A 311 22.71 -7.57 21.61
N ASN A 312 23.52 -7.75 20.58
CA ASN A 312 23.24 -7.11 19.30
C ASN A 312 21.86 -7.55 18.77
N LYS A 313 21.18 -6.64 18.09
CA LYS A 313 19.81 -6.92 17.68
C LYS A 313 19.72 -7.96 16.56
N ALA A 314 20.77 -8.08 15.75
CA ALA A 314 20.78 -9.11 14.71
C ALA A 314 20.57 -10.50 15.31
N ASP A 315 21.36 -10.84 16.34
CA ASP A 315 21.24 -12.12 17.02
C ASP A 315 19.85 -12.27 17.62
N ASN A 316 19.36 -11.20 18.25
CA ASN A 316 18.04 -11.23 18.86
C ASN A 316 16.92 -11.47 17.86
N ILE A 317 17.04 -10.87 16.67
CA ILE A 317 16.05 -11.11 15.64
C ILE A 317 16.07 -12.56 15.12
N ARG A 318 17.25 -13.16 15.05
N ARG A 318 17.25 -13.15 15.07
CA ARG A 318 17.32 -14.57 14.73
CA ARG A 318 17.33 -14.57 14.74
C ARG A 318 16.58 -15.38 15.77
C ARG A 318 16.57 -15.39 15.78
N THR A 319 16.75 -15.02 17.04
CA THR A 319 16.06 -15.71 18.13
C THR A 319 14.55 -15.60 17.93
N ILE A 320 14.08 -14.39 17.66
CA ILE A 320 12.67 -14.16 17.39
C ILE A 320 12.17 -14.99 16.20
N GLN A 321 12.92 -14.95 15.09
CA GLN A 321 12.55 -15.68 13.88
C GLN A 321 12.43 -17.17 14.17
N ARG A 322 13.37 -17.70 14.94
CA ARG A 322 13.38 -19.12 15.23
C ARG A 322 12.20 -19.50 16.10
N THR A 323 11.82 -18.59 17.01
CA THR A 323 10.69 -18.81 17.89
C THR A 323 9.38 -18.86 17.11
N LEU A 324 9.25 -17.96 16.14
CA LEU A 324 8.03 -17.83 15.37
C LEU A 324 7.93 -18.77 14.17
N ASN A 325 9.09 -19.21 13.68
CA ASN A 325 9.13 -20.05 12.48
C ASN A 325 8.41 -19.39 11.30
N ILE A 326 8.74 -18.12 11.04
CA ILE A 326 8.32 -17.45 9.82
C ILE A 326 9.57 -16.90 9.16
N GLY A 327 9.48 -16.53 7.89
CA GLY A 327 10.64 -16.10 7.16
C GLY A 327 11.11 -14.72 7.57
N PHE A 328 12.43 -14.50 7.53
CA PHE A 328 12.97 -13.18 7.76
C PHE A 328 12.34 -12.20 6.80
N ASP A 329 12.06 -12.65 5.58
CA ASP A 329 11.46 -11.80 4.57
C ASP A 329 9.97 -11.53 4.81
N SER A 330 9.43 -12.03 5.91
CA SER A 330 8.06 -11.71 6.31
C SER A 330 8.06 -10.73 7.48
N MSE A 331 9.24 -10.20 7.81
CA MSE A 331 9.40 -9.34 9.00
C MSE A 331 9.70 -7.90 8.69
O MSE A 331 10.40 -7.59 7.72
CB MSE A 331 10.52 -9.89 9.89
CG MSE A 331 10.21 -11.20 10.52
SE MSE A 331 11.76 -11.98 11.43
CE MSE A 331 10.70 -13.15 12.58
N VAL A 332 9.16 -7.02 9.53
CA VAL A 332 9.43 -5.59 9.48
C VAL A 332 10.02 -5.17 10.83
N PHE A 333 11.11 -4.43 10.81
CA PHE A 333 11.76 -3.97 12.04
C PHE A 333 11.81 -2.45 12.11
N LEU A 334 11.24 -1.90 13.18
CA LEU A 334 11.20 -0.45 13.40
C LEU A 334 12.06 -0.02 14.59
N ASP A 335 13.03 0.86 14.32
CA ASP A 335 13.97 1.33 15.32
C ASP A 335 14.39 2.77 15.00
N ASP A 336 14.34 3.65 15.98
CA ASP A 336 14.64 5.07 15.78
C ASP A 336 16.13 5.32 15.61
N ASN A 337 16.95 4.34 15.97
CA ASN A 337 18.41 4.49 15.91
C ASN A 337 18.99 4.02 14.57
N PRO A 338 19.60 4.92 13.79
CA PRO A 338 20.09 4.57 12.45
C PRO A 338 21.15 3.47 12.45
N PHE A 339 21.97 3.43 13.51
CA PHE A 339 22.98 2.39 13.63
C PHE A 339 22.35 1.01 13.86
N GLU A 340 21.32 0.94 14.67
CA GLU A 340 20.57 -0.30 14.86
C GLU A 340 19.92 -0.74 13.54
N ARG A 341 19.27 0.19 12.86
CA ARG A 341 18.65 -0.12 11.57
C ARG A 341 19.67 -0.66 10.59
N ASN A 342 20.80 0.03 10.47
CA ASN A 342 21.83 -0.31 9.49
C ASN A 342 22.46 -1.68 9.77
N MSE A 343 22.68 -1.98 11.03
CA MSE A 343 23.25 -3.28 11.35
C MSE A 343 22.26 -4.42 11.11
O MSE A 343 22.65 -5.48 10.60
CB MSE A 343 23.87 -3.29 12.75
CG MSE A 343 22.95 -3.76 13.85
SE MSE A 343 23.30 -5.63 14.29
CE MSE A 343 25.25 -5.55 14.52
N VAL A 344 20.99 -4.24 11.43
CA VAL A 344 20.01 -5.28 11.11
C VAL A 344 19.89 -5.46 9.59
N ARG A 345 19.94 -4.36 8.84
CA ARG A 345 19.89 -4.44 7.39
C ARG A 345 21.02 -5.28 6.82
N GLU A 346 22.23 -5.05 7.32
CA GLU A 346 23.41 -5.72 6.79
C GLU A 346 23.48 -7.16 7.24
N HIS A 347 23.11 -7.41 8.50
CA HIS A 347 23.37 -8.71 9.10
C HIS A 347 22.20 -9.68 9.04
N VAL A 348 21.00 -9.18 8.78
CA VAL A 348 19.86 -10.07 8.61
C VAL A 348 19.14 -9.75 7.30
N PRO A 349 19.74 -10.11 6.16
CA PRO A 349 19.08 -9.81 4.88
C PRO A 349 17.66 -10.38 4.84
N GLY A 350 16.74 -9.65 4.23
CA GLY A 350 15.37 -10.14 4.13
C GLY A 350 14.43 -9.35 5.01
N VAL A 351 14.90 -8.99 6.21
CA VAL A 351 14.11 -8.15 7.10
C VAL A 351 13.98 -6.75 6.50
N THR A 352 12.75 -6.25 6.44
CA THR A 352 12.49 -4.90 5.97
C THR A 352 12.71 -3.92 7.11
N VAL A 353 13.57 -2.94 6.89
CA VAL A 353 13.93 -1.98 7.93
C VAL A 353 13.66 -0.54 7.45
N PRO A 354 12.43 -0.06 7.68
CA PRO A 354 12.07 1.28 7.20
C PRO A 354 12.97 2.37 7.74
N GLU A 355 13.30 3.33 6.88
CA GLU A 355 14.14 4.47 7.24
C GLU A 355 13.27 5.52 7.93
N LEU A 356 12.93 5.27 9.19
CA LEU A 356 12.09 6.20 9.94
C LEU A 356 12.71 7.59 9.98
N PRO A 357 11.86 8.62 9.82
CA PRO A 357 12.34 10.00 9.95
C PRO A 357 12.71 10.30 11.39
N GLU A 358 13.46 11.37 11.63
CA GLU A 358 13.94 11.66 12.96
C GLU A 358 12.82 12.10 13.93
N ASP A 359 11.82 12.81 13.42
CA ASP A 359 10.75 13.29 14.26
C ASP A 359 9.63 12.25 14.40
N PRO A 360 9.36 11.80 15.63
CA PRO A 360 8.32 10.79 15.86
C PRO A 360 6.94 11.23 15.36
N GLY A 361 6.72 12.54 15.29
CA GLY A 361 5.46 13.06 14.79
C GLY A 361 5.25 12.76 13.31
N ASP A 362 6.32 12.30 12.66
CA ASP A 362 6.30 12.01 11.24
C ASP A 362 6.37 10.51 10.94
N TYR A 363 6.53 9.68 11.96
CA TYR A 363 6.69 8.24 11.77
C TYR A 363 5.52 7.66 10.95
N LEU A 364 4.31 7.94 11.41
CA LEU A 364 3.18 7.22 10.87
C LEU A 364 2.92 7.60 9.42
N GLU A 365 2.93 8.90 9.12
CA GLU A 365 2.71 9.33 7.74
C GLU A 365 3.77 8.75 6.82
N TYR A 366 5.01 8.63 7.32
CA TYR A 366 6.06 8.00 6.55
C TYR A 366 5.76 6.50 6.31
N LEU A 367 5.38 5.78 7.36
CA LEU A 367 5.04 4.37 7.22
C LEU A 367 3.91 4.17 6.22
N TYR A 368 2.98 5.12 6.17
CA TYR A 368 1.90 5.04 5.19
C TYR A 368 2.42 4.98 3.75
N THR A 369 3.56 5.62 3.47
CA THR A 369 4.12 5.66 2.11
C THR A 369 4.70 4.32 1.66
N LEU A 370 4.92 3.43 2.60
CA LEU A 370 5.58 2.14 2.32
C LEU A 370 4.61 0.97 2.10
N ASN A 371 3.36 1.12 2.53
CA ASN A 371 2.35 0.05 2.43
C ASN A 371 2.92 -1.30 2.85
N LEU A 372 3.35 -1.40 4.10
CA LEU A 372 4.12 -2.56 4.54
C LEU A 372 3.31 -3.84 4.65
N PHE A 373 2.01 -3.70 4.88
CA PHE A 373 1.19 -4.84 5.25
C PHE A 373 0.06 -5.19 4.30
N GLU A 374 0.30 -5.01 3.00
CA GLU A 374 -0.60 -5.53 1.99
C GLU A 374 -0.83 -6.99 2.28
N THR A 375 -2.05 -7.46 2.03
CA THR A 375 -2.34 -8.87 2.24
C THR A 375 -3.32 -9.37 1.19
N ALA A 376 -3.56 -10.68 1.16
CA ALA A 376 -4.51 -11.25 0.20
C ALA A 376 -5.49 -12.24 0.84
N SER A 377 -5.57 -12.24 2.17
CA SER A 377 -6.57 -13.04 2.87
C SER A 377 -6.96 -12.38 4.19
N PHE A 378 -8.21 -12.61 4.62
CA PHE A 378 -8.74 -11.99 5.83
C PHE A 378 -8.21 -12.68 7.09
MG MG B . 15.44 3.45 20.42
MG MG C . 15.90 0.73 22.69
#